data_5WIK
#
_entry.id   5WIK
#
_cell.length_a   57.125
_cell.length_b   60.844
_cell.length_c   89.724
_cell.angle_alpha   90.00
_cell.angle_beta   90.00
_cell.angle_gamma   90.00
#
_symmetry.space_group_name_H-M   'P 21 21 21'
#
loop_
_entity.id
_entity.type
_entity.pdbx_description
1 polymer 'Tyrosine-protein kinase JAK2'
2 non-polymer (7R)-2-[(3,5-difluoro-4-hydroxyphenyl)amino]-5,7-dimethyl-8-(3-methylbutyl)-7,8-dihydropteridin-6(5H)-one
3 water water
#
_entity_poly.entity_id   1
_entity_poly.type   'polypeptide(L)'
_entity_poly.pdbx_seq_one_letter_code
;VFHKIRNEDLIFNESLGQGTFTKIFKGVRREVGDYGQLHETEVLLKVLDKAHRNYSESFFEAASMMSKLSHKHLVLNYGV
CVCGDENILVQEFVKFGSLDTYLKKNKNCINILWKLEVAKQLAAAMHFLEENTLIHGNVCAKNILLIREEDRKTGNPPFI
KLSDPGISITVLPKDILQERIPWVPPECIENPKNLNLATDKWSFGTTLWEICSGGDKPLSALDSQRKLQFYEDRHQLPAP
KAAELANLINNCMDYEPDHRPSFRAIIRDLNSLFTPD
;
_entity_poly.pdbx_strand_id   B
#
loop_
_chem_comp.id
_chem_comp.type
_chem_comp.name
_chem_comp.formula
584 non-polymer (7R)-2-[(3,5-difluoro-4-hydroxyphenyl)amino]-5,7-dimethyl-8-(3-methylbutyl)-7,8-dihydropteridin-6(5H)-one 'C19 H23 F2 N5 O2'
#
# COMPACT_ATOMS: atom_id res chain seq x y z
N VAL A 1 16.91 -15.50 -0.86
CA VAL A 1 15.49 -15.21 -0.99
C VAL A 1 14.91 -14.78 0.36
N PHE A 2 14.46 -15.75 1.15
CA PHE A 2 13.78 -15.47 2.41
C PHE A 2 14.36 -16.31 3.53
N HIS A 3 14.31 -15.75 4.74
CA HIS A 3 14.67 -16.47 5.95
C HIS A 3 13.54 -17.42 6.33
N LYS A 4 13.90 -18.63 6.74
CA LYS A 4 12.93 -19.67 7.05
C LYS A 4 12.57 -19.63 8.53
N ILE A 5 11.31 -19.40 8.84
CA ILE A 5 10.78 -19.45 10.20
C ILE A 5 9.96 -20.72 10.32
N ARG A 6 10.33 -21.57 11.29
CA ARG A 6 9.74 -22.89 11.36
C ARG A 6 8.35 -22.84 12.01
N ASN A 7 7.62 -23.94 11.86
CA ASN A 7 6.24 -24.04 12.30
C ASN A 7 6.07 -23.67 13.76
N GLU A 8 6.93 -24.21 14.62
CA GLU A 8 6.72 -24.17 16.06
C GLU A 8 6.96 -22.79 16.65
N ASP A 9 7.67 -21.91 15.94
CA ASP A 9 7.94 -20.57 16.45
C ASP A 9 6.81 -19.60 16.21
N LEU A 10 5.75 -20.00 15.51
CA LEU A 10 4.66 -19.10 15.13
C LEU A 10 3.33 -19.62 15.66
N ILE A 11 2.52 -18.68 16.16
CA ILE A 11 1.17 -18.97 16.62
C ILE A 11 0.21 -18.07 15.84
N PHE A 12 -0.79 -18.69 15.22
CA PHE A 12 -1.79 -17.94 14.45
C PHE A 12 -2.95 -17.54 15.37
N ASN A 13 -3.31 -16.26 15.32
CA ASN A 13 -4.41 -15.77 16.14
C ASN A 13 -5.52 -15.16 15.30
N GLU A 14 -5.96 -14.00 15.67
CA GLU A 14 -7.06 -13.36 15.01
C GLU A 14 -6.97 -12.99 13.56
N SER A 15 -8.04 -13.18 12.85
CA SER A 15 -8.06 -12.75 11.46
C SER A 15 -8.27 -11.25 11.39
N LEU A 16 -7.38 -10.56 10.67
CA LEU A 16 -7.45 -9.11 10.55
C LEU A 16 -8.15 -8.64 9.29
N GLY A 17 -8.23 -9.48 8.27
CA GLY A 17 -8.87 -9.09 7.02
C GLY A 17 -8.38 -9.97 5.89
N GLN A 18 -8.39 -9.40 4.68
CA GLN A 18 -8.03 -10.13 3.48
C GLN A 18 -7.23 -9.23 2.55
N GLY A 19 -6.32 -9.86 1.80
CA GLY A 19 -5.74 -9.26 0.63
C GLY A 19 -6.29 -9.90 -0.63
N THR A 20 -5.61 -9.64 -1.74
CA THR A 20 -5.96 -10.29 -3.00
C THR A 20 -5.57 -11.76 -2.92
N PHE A 21 -6.57 -12.64 -2.83
CA PHE A 21 -6.36 -14.08 -2.77
C PHE A 21 -5.56 -14.50 -1.54
N THR A 22 -5.62 -13.72 -0.47
CA THR A 22 -4.88 -14.04 0.75
C THR A 22 -5.76 -13.81 1.96
N LYS A 23 -5.41 -14.50 3.05
CA LYS A 23 -5.99 -14.28 4.37
C LYS A 23 -4.90 -13.75 5.28
N ILE A 24 -5.26 -12.80 6.14
CA ILE A 24 -4.30 -12.05 6.94
C ILE A 24 -4.67 -12.18 8.42
N PHE A 25 -3.69 -12.53 9.25
CA PHE A 25 -3.89 -12.79 10.66
C PHE A 25 -2.86 -12.04 11.50
N LYS A 26 -3.23 -11.76 12.74
CA LYS A 26 -2.27 -11.34 13.76
C LYS A 26 -1.67 -12.58 14.41
N GLY A 27 -0.35 -12.60 14.55
CA GLY A 27 0.35 -13.76 15.05
C GLY A 27 1.37 -13.40 16.12
N VAL A 28 1.93 -14.45 16.72
CA VAL A 28 2.96 -14.32 17.75
C VAL A 28 4.14 -15.20 17.36
N ARG A 29 5.35 -14.65 17.45
CA ARG A 29 6.56 -15.36 17.08
C ARG A 29 7.49 -15.44 18.29
N ARG A 30 7.99 -16.64 18.58
CA ARG A 30 9.05 -16.84 19.55
C ARG A 30 10.37 -16.80 18.80
N GLU A 31 11.31 -15.98 19.27
CA GLU A 31 12.57 -15.82 18.57
C GLU A 31 13.70 -15.50 19.53
N VAL A 32 14.92 -15.69 19.06
CA VAL A 32 16.11 -15.21 19.77
C VAL A 32 16.48 -13.86 19.19
N GLY A 33 16.41 -12.82 20.02
CA GLY A 33 16.68 -11.47 19.61
C GLY A 33 18.10 -11.04 19.89
N ASP A 34 18.27 -9.74 20.12
CA ASP A 34 19.59 -9.21 20.46
C ASP A 34 20.03 -9.72 21.83
N TYR A 35 21.34 -9.99 21.94
CA TYR A 35 21.95 -10.47 23.18
C TYR A 35 21.43 -11.85 23.59
N GLY A 36 20.98 -12.64 22.62
CA GLY A 36 20.44 -13.95 22.92
C GLY A 36 19.13 -13.95 23.67
N GLN A 37 18.52 -12.79 23.86
CA GLN A 37 17.26 -12.71 24.60
C GLN A 37 16.14 -13.40 23.82
N LEU A 38 15.25 -14.06 24.57
CA LEU A 38 14.07 -14.68 23.98
C LEU A 38 12.93 -13.66 23.92
N HIS A 39 12.31 -13.55 22.74
CA HIS A 39 11.26 -12.56 22.49
C HIS A 39 9.97 -13.23 22.06
N GLU A 40 8.85 -12.71 22.58
CA GLU A 40 7.50 -12.96 22.07
C GLU A 40 7.12 -11.80 21.15
N THR A 41 7.30 -11.97 19.85
CA THR A 41 7.13 -10.88 18.92
C THR A 41 5.81 -11.01 18.17
N GLU A 42 5.01 -9.95 18.23
CA GLU A 42 3.82 -9.86 17.38
C GLU A 42 4.23 -9.74 15.92
N VAL A 43 3.57 -10.50 15.05
CA VAL A 43 3.87 -10.53 13.63
C VAL A 43 2.57 -10.48 12.84
N LEU A 44 2.71 -10.20 11.55
CA LEU A 44 1.61 -10.33 10.61
C LEU A 44 1.84 -11.55 9.73
N LEU A 45 0.77 -12.30 9.47
CA LEU A 45 0.85 -13.55 8.73
C LEU A 45 -0.10 -13.47 7.53
N LYS A 46 0.47 -13.30 6.34
CA LYS A 46 -0.29 -13.33 5.11
C LYS A 46 -0.28 -14.74 4.55
N VAL A 47 -1.46 -15.35 4.46
CA VAL A 47 -1.62 -16.73 4.02
C VAL A 47 -2.26 -16.70 2.63
N LEU A 48 -1.48 -17.07 1.62
CA LEU A 48 -2.02 -17.18 0.26
C LEU A 48 -3.09 -18.26 0.22
N ASP A 49 -4.20 -17.97 -0.47
CA ASP A 49 -5.34 -18.88 -0.47
C ASP A 49 -4.97 -20.24 -1.03
N LYS A 50 -5.54 -21.28 -0.43
CA LYS A 50 -5.35 -22.64 -0.92
C LYS A 50 -5.79 -22.79 -2.37
N ALA A 51 -6.88 -22.12 -2.74
CA ALA A 51 -7.38 -22.19 -4.12
C ALA A 51 -6.55 -21.38 -5.10
N HIS A 52 -5.70 -20.46 -4.62
CA HIS A 52 -4.97 -19.54 -5.47
C HIS A 52 -3.46 -19.69 -5.31
N ARG A 53 -2.98 -20.91 -5.09
CA ARG A 53 -1.54 -21.12 -5.01
C ARG A 53 -0.86 -21.03 -6.36
N ASN A 54 -1.62 -20.86 -7.44
CA ASN A 54 -1.02 -20.51 -8.73
C ASN A 54 -0.08 -19.33 -8.60
N TYR A 55 -0.56 -18.25 -7.97
CA TYR A 55 0.18 -17.01 -7.81
C TYR A 55 1.26 -17.08 -6.74
N SER A 56 1.74 -18.28 -6.39
CA SER A 56 2.75 -18.41 -5.34
C SER A 56 4.00 -17.61 -5.68
N GLU A 57 4.40 -17.59 -6.95
CA GLU A 57 5.62 -16.88 -7.33
C GLU A 57 5.44 -15.37 -7.19
N SER A 58 4.35 -14.83 -7.74
CA SER A 58 4.07 -13.41 -7.59
C SER A 58 3.80 -13.05 -6.13
N PHE A 59 3.28 -14.00 -5.35
CA PHE A 59 3.02 -13.75 -3.94
C PHE A 59 4.30 -13.45 -3.18
N PHE A 60 5.40 -14.12 -3.54
CA PHE A 60 6.66 -13.96 -2.84
C PHE A 60 7.57 -12.93 -3.48
N GLU A 61 7.43 -12.69 -4.79
CA GLU A 61 8.25 -11.68 -5.44
C GLU A 61 7.94 -10.29 -4.92
N ALA A 62 6.66 -10.01 -4.63
CA ALA A 62 6.29 -8.71 -4.08
C ALA A 62 6.88 -8.50 -2.69
N ALA A 63 7.01 -9.57 -1.91
CA ALA A 63 7.67 -9.46 -0.61
C ALA A 63 9.18 -9.50 -0.74
N SER A 64 9.70 -10.23 -1.74
CA SER A 64 11.11 -10.19 -2.07
C SER A 64 11.51 -8.87 -2.72
N MET A 65 10.61 -7.89 -2.74
CA MET A 65 10.87 -6.55 -3.24
C MET A 65 11.15 -5.57 -2.11
N MET A 66 10.28 -5.55 -1.09
CA MET A 66 10.55 -4.77 0.11
C MET A 66 11.67 -5.39 0.95
N SER A 67 12.04 -6.64 0.67
CA SER A 67 13.05 -7.32 1.47
C SER A 67 14.47 -6.97 1.01
N LYS A 68 14.67 -6.85 -0.30
CA LYS A 68 15.98 -6.54 -0.85
C LYS A 68 16.35 -5.06 -0.74
N LEU A 69 15.48 -4.24 -0.19
CA LEU A 69 15.78 -2.84 0.10
C LEU A 69 15.44 -2.54 1.55
N SER A 70 16.03 -1.46 2.06
CA SER A 70 15.85 -1.05 3.44
C SER A 70 15.58 0.44 3.49
N HIS A 71 14.46 0.81 4.11
CA HIS A 71 14.09 2.21 4.24
C HIS A 71 13.09 2.33 5.39
N LYS A 72 13.11 3.49 6.06
CA LYS A 72 12.29 3.67 7.25
C LYS A 72 10.79 3.66 6.95
N HIS A 73 10.39 3.91 5.70
CA HIS A 73 8.99 3.95 5.32
C HIS A 73 8.53 2.68 4.61
N LEU A 74 9.28 1.59 4.74
CA LEU A 74 8.93 0.32 4.12
C LEU A 74 8.74 -0.74 5.20
N VAL A 75 7.68 -1.55 5.06
CA VAL A 75 7.36 -2.56 6.05
C VAL A 75 8.44 -3.63 6.07
N LEU A 76 8.84 -4.03 7.28
CA LEU A 76 9.89 -5.04 7.44
C LEU A 76 9.34 -6.44 7.20
N ASN A 77 10.11 -7.24 6.46
CA ASN A 77 9.81 -8.65 6.27
C ASN A 77 10.60 -9.48 7.27
N TYR A 78 9.93 -10.43 7.91
CA TYR A 78 10.58 -11.33 8.85
C TYR A 78 10.97 -12.66 8.23
N GLY A 79 10.28 -13.10 7.19
CA GLY A 79 10.63 -14.32 6.49
C GLY A 79 9.40 -15.07 6.04
N VAL A 80 9.59 -16.38 5.83
CA VAL A 80 8.54 -17.27 5.31
C VAL A 80 8.36 -18.41 6.30
N CYS A 81 7.10 -18.73 6.61
CA CYS A 81 6.81 -19.83 7.51
C CYS A 81 6.86 -21.16 6.76
N VAL A 82 7.56 -22.13 7.34
CA VAL A 82 7.70 -23.46 6.76
C VAL A 82 6.65 -24.36 7.42
N CYS A 83 5.65 -24.75 6.64
CA CYS A 83 4.63 -25.70 7.09
C CYS A 83 3.73 -26.13 5.94
N GLY A 84 3.57 -27.44 5.77
CA GLY A 84 2.73 -28.02 4.74
C GLY A 84 3.06 -27.49 3.37
N ASP A 85 2.04 -27.48 2.50
CA ASP A 85 2.15 -26.89 1.18
C ASP A 85 1.67 -25.44 1.15
N GLU A 86 1.63 -24.79 2.30
CA GLU A 86 1.11 -23.44 2.41
C GLU A 86 2.19 -22.40 2.15
N ASN A 87 1.74 -21.18 1.87
CA ASN A 87 2.63 -20.05 1.59
C ASN A 87 2.29 -18.94 2.58
N ILE A 88 3.16 -18.73 3.56
CA ILE A 88 2.95 -17.74 4.61
C ILE A 88 4.10 -16.75 4.60
N LEU A 89 3.77 -15.48 4.52
CA LEU A 89 4.74 -14.40 4.70
C LEU A 89 4.62 -13.85 6.11
N VAL A 90 5.76 -13.67 6.77
CA VAL A 90 5.80 -13.15 8.13
C VAL A 90 6.38 -11.74 8.06
N GLN A 91 5.58 -10.77 8.48
CA GLN A 91 5.94 -9.36 8.33
C GLN A 91 5.69 -8.61 9.63
N GLU A 92 6.27 -7.42 9.69
CA GLU A 92 6.15 -6.55 10.86
C GLU A 92 4.69 -6.25 11.16
N PHE A 93 4.28 -6.44 12.41
CA PHE A 93 2.93 -6.10 12.83
C PHE A 93 2.88 -4.66 13.30
N VAL A 94 1.90 -3.91 12.81
CA VAL A 94 1.69 -2.52 13.16
C VAL A 94 0.40 -2.43 13.96
N LYS A 95 0.45 -1.72 15.09
CA LYS A 95 -0.67 -1.76 16.03
C LYS A 95 -1.90 -1.05 15.47
N PHE A 96 -1.73 0.11 14.87
CA PHE A 96 -2.85 0.96 14.50
C PHE A 96 -3.45 0.61 13.13
N GLY A 97 -3.02 -0.48 12.52
CA GLY A 97 -3.69 -0.98 11.34
C GLY A 97 -3.49 -0.15 10.08
N SER A 98 -4.43 -0.31 9.15
CA SER A 98 -4.34 0.33 7.85
C SER A 98 -4.65 1.81 7.93
N LEU A 99 -3.96 2.59 7.08
CA LEU A 99 -4.36 3.97 6.86
C LEU A 99 -5.77 4.05 6.28
N ASP A 100 -6.15 3.07 5.46
CA ASP A 100 -7.48 3.03 4.87
C ASP A 100 -8.56 3.09 5.94
N THR A 101 -8.55 2.12 6.85
CA THR A 101 -9.56 2.10 7.90
C THR A 101 -9.31 3.15 8.98
N TYR A 102 -8.10 3.72 9.05
CA TYR A 102 -7.84 4.74 10.05
C TYR A 102 -8.36 6.11 9.61
N LEU A 103 -8.11 6.48 8.34
CA LEU A 103 -8.72 7.68 7.78
C LEU A 103 -10.23 7.66 7.94
N LYS A 104 -10.82 6.47 7.83
CA LYS A 104 -12.27 6.33 7.90
C LYS A 104 -12.79 6.54 9.32
N LYS A 105 -12.19 5.86 10.30
CA LYS A 105 -12.67 5.97 11.67
C LYS A 105 -12.29 7.30 12.31
N ASN A 106 -11.24 7.95 11.82
CA ASN A 106 -10.78 9.23 12.36
C ASN A 106 -10.98 10.36 11.37
N LYS A 107 -11.97 10.24 10.48
CA LYS A 107 -12.21 11.27 9.47
C LYS A 107 -12.63 12.59 10.10
N ASN A 108 -13.25 12.55 11.28
CA ASN A 108 -13.78 13.77 11.88
C ASN A 108 -12.67 14.72 12.28
N CYS A 109 -11.62 14.22 12.93
CA CYS A 109 -10.56 15.09 13.39
C CYS A 109 -9.21 14.72 12.79
N ILE A 110 -9.14 14.69 11.47
CA ILE A 110 -7.88 14.67 10.73
C ILE A 110 -7.86 15.95 9.90
N ASN A 111 -6.99 16.89 10.28
CA ASN A 111 -6.95 18.17 9.61
C ASN A 111 -5.99 18.10 8.42
N ILE A 112 -5.82 19.25 7.74
CA ILE A 112 -5.01 19.29 6.53
C ILE A 112 -3.56 18.95 6.84
N LEU A 113 -3.04 19.45 7.97
CA LEU A 113 -1.63 19.22 8.30
C LEU A 113 -1.35 17.74 8.58
N TRP A 114 -2.30 17.03 9.17
CA TRP A 114 -2.13 15.59 9.35
C TRP A 114 -2.05 14.89 8.00
N LYS A 115 -2.95 15.24 7.08
CA LYS A 115 -2.91 14.67 5.74
C LYS A 115 -1.60 15.00 5.04
N LEU A 116 -1.11 16.23 5.22
CA LEU A 116 0.11 16.65 4.55
C LEU A 116 1.31 15.85 5.06
N GLU A 117 1.38 15.61 6.37
CA GLU A 117 2.51 14.87 6.93
C GLU A 117 2.54 13.43 6.41
N VAL A 118 1.38 12.78 6.35
CA VAL A 118 1.32 11.43 5.80
C VAL A 118 1.60 11.44 4.31
N ALA A 119 1.16 12.48 3.61
CA ALA A 119 1.41 12.58 2.17
C ALA A 119 2.90 12.70 1.87
N LYS A 120 3.63 13.47 2.68
CA LYS A 120 5.07 13.61 2.48
C LYS A 120 5.80 12.31 2.74
N GLN A 121 5.43 11.61 3.82
CA GLN A 121 6.08 10.35 4.14
C GLN A 121 5.85 9.30 3.05
N LEU A 122 4.66 9.30 2.46
CA LEU A 122 4.39 8.39 1.36
C LEU A 122 5.19 8.77 0.12
N ALA A 123 5.22 10.06 -0.21
CA ALA A 123 5.99 10.52 -1.35
C ALA A 123 7.48 10.25 -1.14
N ALA A 124 7.97 10.41 0.08
CA ALA A 124 9.36 10.10 0.38
C ALA A 124 9.65 8.63 0.14
N ALA A 125 8.72 7.74 0.52
CA ALA A 125 8.89 6.32 0.23
C ALA A 125 8.87 6.05 -1.27
N MET A 126 7.96 6.71 -2.00
CA MET A 126 7.91 6.53 -3.44
C MET A 126 9.12 7.15 -4.13
N HIS A 127 9.64 8.27 -3.59
CA HIS A 127 10.86 8.85 -4.14
C HIS A 127 12.03 7.91 -3.96
N PHE A 128 12.08 7.19 -2.84
CA PHE A 128 13.13 6.21 -2.62
C PHE A 128 13.03 5.06 -3.62
N LEU A 129 11.80 4.61 -3.90
CA LEU A 129 11.62 3.54 -4.89
C LEU A 129 11.95 4.02 -6.30
N GLU A 130 11.63 5.29 -6.60
CA GLU A 130 11.88 5.81 -7.94
C GLU A 130 13.37 5.88 -8.24
N GLU A 131 14.17 6.30 -7.26
CA GLU A 131 15.62 6.37 -7.46
C GLU A 131 16.23 4.99 -7.65
N ASN A 132 15.65 3.96 -7.03
CA ASN A 132 16.07 2.59 -7.24
C ASN A 132 15.39 1.94 -8.44
N THR A 133 14.53 2.69 -9.15
CA THR A 133 13.77 2.18 -10.30
C THR A 133 13.07 0.86 -9.97
N LEU A 134 12.38 0.87 -8.83
CA LEU A 134 11.68 -0.31 -8.33
C LEU A 134 10.18 -0.02 -8.37
N ILE A 135 9.47 -0.74 -9.22
CA ILE A 135 8.04 -0.52 -9.41
C ILE A 135 7.27 -1.21 -8.27
N HIS A 136 6.48 -0.45 -7.54
CA HIS A 136 5.65 -1.02 -6.49
C HIS A 136 4.46 -1.74 -7.11
N GLY A 137 3.51 -0.98 -7.67
CA GLY A 137 2.42 -1.54 -8.43
C GLY A 137 1.10 -1.63 -7.72
N ASN A 138 1.01 -1.21 -6.47
CA ASN A 138 -0.25 -1.27 -5.74
C ASN A 138 -0.22 -0.29 -4.57
N VAL A 139 -0.04 0.98 -4.87
CA VAL A 139 -0.08 2.02 -3.85
C VAL A 139 -1.52 2.36 -3.55
N CYS A 140 -1.94 2.16 -2.31
CA CYS A 140 -3.28 2.48 -1.87
C CYS A 140 -3.28 2.63 -0.35
N ALA A 141 -4.31 3.31 0.16
CA ALA A 141 -4.41 3.55 1.59
C ALA A 141 -4.48 2.26 2.39
N LYS A 142 -4.87 1.14 1.76
CA LYS A 142 -4.94 -0.13 2.46
C LYS A 142 -3.56 -0.74 2.67
N ASN A 143 -2.63 -0.50 1.75
CA ASN A 143 -1.26 -1.00 1.88
C ASN A 143 -0.37 -0.09 2.71
N ILE A 144 -0.95 0.87 3.43
CA ILE A 144 -0.21 1.80 4.27
C ILE A 144 -0.55 1.50 5.72
N LEU A 145 0.48 1.38 6.56
CA LEU A 145 0.32 1.05 7.96
C LEU A 145 0.75 2.22 8.83
N LEU A 146 -0.06 2.52 9.84
CA LEU A 146 0.15 3.66 10.73
C LEU A 146 0.89 3.19 11.97
N ILE A 147 2.20 3.42 12.01
CA ILE A 147 3.03 2.91 13.10
C ILE A 147 2.83 3.74 14.37
N ARG A 148 2.88 5.06 14.24
CA ARG A 148 2.68 5.96 15.36
C ARG A 148 1.55 6.92 15.03
N GLU A 149 0.59 7.05 15.93
CA GLU A 149 -0.43 8.06 15.79
C GLU A 149 0.16 9.44 16.04
N GLU A 150 -0.50 10.45 15.50
CA GLU A 150 -0.16 11.83 15.82
C GLU A 150 -0.34 12.06 17.32
N ASP A 151 0.65 12.68 17.94
CA ASP A 151 0.60 13.00 19.37
C ASP A 151 0.32 14.49 19.50
N ARG A 152 -0.94 14.83 19.77
CA ARG A 152 -1.39 16.20 19.99
C ARG A 152 -0.91 16.78 21.27
N LYS A 153 -0.26 15.97 22.10
CA LYS A 153 0.25 16.44 23.38
C LYS A 153 1.60 17.12 23.24
N THR A 154 2.39 16.63 22.29
CA THR A 154 3.71 17.19 22.04
C THR A 154 3.88 17.57 20.58
N GLY A 155 2.77 17.61 19.84
CA GLY A 155 2.85 17.96 18.45
C GLY A 155 3.66 16.97 17.65
N ASN A 156 3.75 15.74 18.09
CA ASN A 156 4.54 14.80 17.38
C ASN A 156 3.72 14.32 16.20
N PRO A 157 4.32 14.24 15.02
CA PRO A 157 3.57 13.84 13.82
C PRO A 157 3.34 12.34 13.79
N PRO A 158 2.40 11.86 12.99
CA PRO A 158 2.23 10.42 12.80
C PRO A 158 3.35 9.85 11.93
N PHE A 159 3.40 8.52 11.89
CA PHE A 159 4.39 7.82 11.09
C PHE A 159 3.72 6.67 10.37
N ILE A 160 4.13 6.44 9.12
CA ILE A 160 3.53 5.42 8.27
C ILE A 160 4.61 4.55 7.67
N LYS A 161 4.19 3.40 7.14
CA LYS A 161 5.03 2.52 6.36
C LYS A 161 4.22 1.97 5.19
N LEU A 162 4.91 1.64 4.10
CA LEU A 162 4.28 1.08 2.92
C LEU A 162 4.58 -0.41 2.84
N SER A 163 3.54 -1.22 2.73
CA SER A 163 3.69 -2.66 2.69
C SER A 163 3.91 -3.12 1.24
N ASP A 164 4.01 -4.45 1.06
CA ASP A 164 4.24 -5.00 -0.27
C ASP A 164 2.98 -4.92 -1.12
N PRO A 165 3.13 -4.88 -2.45
CA PRO A 165 1.95 -4.69 -3.31
C PRO A 165 1.08 -5.93 -3.48
N GLY A 166 1.51 -7.09 -2.98
CA GLY A 166 0.77 -8.30 -3.24
C GLY A 166 0.99 -8.82 -4.64
N ILE A 167 0.11 -9.71 -5.07
CA ILE A 167 0.24 -10.33 -6.38
C ILE A 167 0.17 -9.27 -7.47
N SER A 168 1.09 -9.35 -8.43
CA SER A 168 1.23 -8.31 -9.44
C SER A 168 0.02 -8.27 -10.36
N ILE A 169 -0.32 -7.05 -10.80
CA ILE A 169 -1.44 -6.86 -11.71
C ILE A 169 -1.13 -7.41 -13.10
N THR A 170 0.14 -7.61 -13.43
CA THR A 170 0.52 -8.24 -14.69
C THR A 170 0.15 -9.72 -14.74
N VAL A 171 -0.51 -10.23 -13.70
CA VAL A 171 -0.76 -11.67 -13.56
C VAL A 171 -2.20 -11.88 -13.12
N LEU A 172 -2.77 -10.89 -12.45
CA LEU A 172 -4.14 -11.00 -11.96
C LEU A 172 -5.14 -11.02 -13.12
N PRO A 173 -6.29 -11.68 -12.92
CA PRO A 173 -7.31 -11.69 -13.98
C PRO A 173 -7.96 -10.33 -14.14
N LYS A 174 -8.66 -10.17 -15.27
CA LYS A 174 -9.17 -8.85 -15.64
C LYS A 174 -10.28 -8.38 -14.72
N ASP A 175 -11.00 -9.29 -14.07
CA ASP A 175 -12.08 -8.87 -13.18
C ASP A 175 -11.54 -8.15 -11.95
N ILE A 176 -10.35 -8.54 -11.48
CA ILE A 176 -9.77 -7.87 -10.32
C ILE A 176 -9.16 -6.52 -10.72
N LEU A 177 -8.51 -6.47 -11.88
CA LEU A 177 -7.90 -5.21 -12.33
C LEU A 177 -8.96 -4.13 -12.54
N GLN A 178 -10.02 -4.46 -13.27
CA GLN A 178 -11.09 -3.49 -13.49
C GLN A 178 -11.77 -3.12 -12.17
N GLU A 179 -11.75 -4.03 -11.19
CA GLU A 179 -12.28 -3.70 -9.87
C GLU A 179 -11.39 -2.71 -9.14
N ARG A 180 -10.11 -2.66 -9.49
CA ARG A 180 -9.14 -1.79 -8.81
C ARG A 180 -9.11 -0.37 -9.39
N ILE A 181 -9.96 -0.06 -10.34
CA ILE A 181 -10.07 1.32 -10.84
C ILE A 181 -10.61 2.20 -9.71
N PRO A 182 -10.07 3.41 -9.48
CA PRO A 182 -9.00 4.09 -10.23
C PRO A 182 -7.60 3.97 -9.66
N TRP A 183 -7.29 2.89 -8.94
CA TRP A 183 -5.91 2.72 -8.47
C TRP A 183 -5.00 2.22 -9.58
N VAL A 184 -5.46 1.25 -10.35
CA VAL A 184 -4.71 0.82 -11.54
C VAL A 184 -4.83 1.89 -12.62
N PRO A 185 -3.72 2.36 -13.19
CA PRO A 185 -3.78 3.45 -14.17
C PRO A 185 -4.44 3.00 -15.46
N PRO A 186 -4.89 3.93 -16.30
CA PRO A 186 -5.61 3.54 -17.53
C PRO A 186 -4.76 2.76 -18.52
N GLU A 187 -3.45 3.00 -18.59
CA GLU A 187 -2.61 2.27 -19.52
C GLU A 187 -2.41 0.83 -19.10
N CYS A 188 -2.62 0.50 -17.82
CA CYS A 188 -2.57 -0.88 -17.39
C CYS A 188 -3.91 -1.58 -17.60
N ILE A 189 -5.01 -0.83 -17.60
CA ILE A 189 -6.30 -1.40 -17.97
C ILE A 189 -6.31 -1.79 -19.45
N GLU A 190 -5.72 -0.94 -20.30
CA GLU A 190 -5.55 -1.31 -21.70
C GLU A 190 -4.68 -2.55 -21.83
N ASN A 191 -3.60 -2.61 -21.05
CA ASN A 191 -2.66 -3.72 -21.10
C ASN A 191 -1.83 -3.73 -19.82
N PRO A 192 -1.94 -4.79 -19.00
CA PRO A 192 -1.15 -4.83 -17.76
C PRO A 192 0.34 -4.82 -18.00
N LYS A 193 0.80 -5.08 -19.23
CA LYS A 193 2.21 -5.05 -19.56
C LYS A 193 2.79 -3.63 -19.56
N ASN A 194 1.95 -2.61 -19.48
CA ASN A 194 2.41 -1.23 -19.37
C ASN A 194 2.79 -0.85 -17.94
N LEU A 195 2.96 -1.83 -17.05
CA LEU A 195 3.38 -1.54 -15.70
C LEU A 195 4.75 -0.88 -15.70
N ASN A 196 4.81 0.32 -15.13
CA ASN A 196 6.01 1.15 -15.25
C ASN A 196 6.13 2.00 -13.98
N LEU A 197 7.24 2.74 -13.89
CA LEU A 197 7.39 3.71 -12.81
C LEU A 197 6.27 4.74 -12.82
N ALA A 198 5.74 5.06 -14.00
CA ALA A 198 4.64 6.01 -14.11
C ALA A 198 3.35 5.48 -13.50
N THR A 199 3.21 4.16 -13.35
CA THR A 199 2.04 3.60 -12.70
C THR A 199 1.94 4.06 -11.25
N ASP A 200 3.06 4.08 -10.54
CA ASP A 200 3.05 4.45 -9.13
C ASP A 200 2.73 5.93 -8.94
N LYS A 201 3.01 6.77 -9.95
CA LYS A 201 2.63 8.18 -9.87
C LYS A 201 1.11 8.33 -9.93
N TRP A 202 0.45 7.57 -10.80
CA TRP A 202 -1.01 7.62 -10.85
C TRP A 202 -1.62 7.13 -9.55
N SER A 203 -1.20 5.95 -9.08
CA SER A 203 -1.77 5.37 -7.86
C SER A 203 -1.51 6.25 -6.65
N PHE A 204 -0.40 6.98 -6.63
CA PHE A 204 -0.16 7.93 -5.56
C PHE A 204 -1.22 9.02 -5.53
N GLY A 205 -1.65 9.49 -6.69
CA GLY A 205 -2.71 10.49 -6.74
C GLY A 205 -4.03 9.94 -6.23
N THR A 206 -4.33 8.68 -6.54
CA THR A 206 -5.55 8.06 -6.02
C THR A 206 -5.48 7.91 -4.50
N THR A 207 -4.34 7.47 -3.98
CA THR A 207 -4.15 7.41 -2.54
C THR A 207 -4.26 8.79 -1.92
N LEU A 208 -3.66 9.80 -2.57
CA LEU A 208 -3.80 11.17 -2.09
C LEU A 208 -5.25 11.62 -2.07
N TRP A 209 -6.08 11.06 -2.96
CA TRP A 209 -7.50 11.35 -2.92
C TRP A 209 -8.18 10.65 -1.74
N GLU A 210 -7.78 9.40 -1.47
CA GLU A 210 -8.29 8.69 -0.29
C GLU A 210 -7.98 9.45 0.99
N ILE A 211 -6.76 9.99 1.10
CA ILE A 211 -6.34 10.66 2.32
C ILE A 211 -7.16 11.92 2.56
N CYS A 212 -7.55 12.62 1.49
CA CYS A 212 -8.35 13.83 1.61
C CYS A 212 -9.84 13.57 1.61
N SER A 213 -10.27 12.32 1.49
CA SER A 213 -11.68 11.98 1.42
C SER A 213 -12.21 11.30 2.68
N GLY A 214 -11.36 11.08 3.68
CA GLY A 214 -11.79 10.46 4.92
C GLY A 214 -12.27 9.03 4.74
N GLY A 215 -11.42 8.19 4.14
CA GLY A 215 -11.73 6.78 3.96
C GLY A 215 -12.60 6.46 2.76
N ASP A 216 -13.12 7.46 2.05
CA ASP A 216 -13.98 7.19 0.91
C ASP A 216 -13.21 6.52 -0.21
N LYS A 217 -13.80 5.49 -0.80
CA LYS A 217 -13.22 4.82 -1.95
C LYS A 217 -13.66 5.53 -3.23
N PRO A 218 -12.75 6.03 -4.05
CA PRO A 218 -13.17 6.71 -5.28
C PRO A 218 -13.91 5.76 -6.21
N LEU A 219 -15.02 6.26 -6.77
CA LEU A 219 -15.85 5.50 -7.70
C LEU A 219 -16.42 4.25 -7.04
N SER A 220 -16.87 4.40 -5.78
CA SER A 220 -17.51 3.29 -5.09
C SER A 220 -18.82 2.91 -5.75
N ALA A 221 -19.65 3.91 -6.10
CA ALA A 221 -20.96 3.66 -6.67
C ALA A 221 -20.91 3.09 -8.08
N LEU A 222 -19.74 3.05 -8.72
CA LEU A 222 -19.61 2.55 -10.07
C LEU A 222 -19.15 1.09 -10.06
N ASP A 223 -19.76 0.28 -10.93
CA ASP A 223 -19.37 -1.11 -11.05
C ASP A 223 -18.20 -1.23 -12.04
N SER A 224 -17.84 -2.46 -12.38
CA SER A 224 -16.65 -2.69 -13.21
C SER A 224 -16.75 -2.00 -14.55
N GLN A 225 -17.88 -2.20 -15.25
CA GLN A 225 -18.01 -1.69 -16.61
C GLN A 225 -18.15 -0.18 -16.64
N ARG A 226 -18.74 0.41 -15.61
CA ARG A 226 -18.80 1.86 -15.51
C ARG A 226 -17.48 2.47 -15.03
N LYS A 227 -16.60 1.65 -14.45
CA LYS A 227 -15.23 2.09 -14.21
C LYS A 227 -14.43 2.05 -15.51
N LEU A 228 -14.65 1.04 -16.33
CA LEU A 228 -14.06 1.03 -17.67
C LEU A 228 -14.57 2.21 -18.49
N GLN A 229 -15.86 2.56 -18.31
CA GLN A 229 -16.40 3.74 -18.95
C GLN A 229 -15.76 5.00 -18.43
N PHE A 230 -15.39 5.01 -17.14
CA PHE A 230 -14.77 6.19 -16.55
C PHE A 230 -13.46 6.54 -17.25
N TYR A 231 -12.66 5.53 -17.59
CA TYR A 231 -11.37 5.78 -18.23
C TYR A 231 -11.54 6.17 -19.69
N GLU A 232 -12.43 5.49 -20.42
CA GLU A 232 -12.60 5.78 -21.85
C GLU A 232 -13.08 7.22 -22.07
N ASP A 233 -13.94 7.71 -21.18
CA ASP A 233 -14.39 9.10 -21.26
C ASP A 233 -13.36 10.09 -20.73
N ARG A 234 -12.20 9.61 -20.28
CA ARG A 234 -11.10 10.46 -19.83
C ARG A 234 -11.52 11.37 -18.69
N HIS A 235 -12.34 10.85 -17.79
CA HIS A 235 -12.79 11.62 -16.64
C HIS A 235 -11.72 11.62 -15.54
N GLN A 236 -11.92 12.50 -14.56
CA GLN A 236 -11.03 12.62 -13.42
C GLN A 236 -11.86 12.56 -12.15
N LEU A 237 -11.19 12.23 -11.04
CA LEU A 237 -11.87 12.10 -9.77
C LEU A 237 -12.40 13.47 -9.31
N PRO A 238 -13.50 13.50 -8.57
CA PRO A 238 -14.03 14.78 -8.08
C PRO A 238 -13.06 15.43 -7.11
N ALA A 239 -13.11 16.75 -7.06
CA ALA A 239 -12.27 17.51 -6.13
C ALA A 239 -12.72 17.26 -4.71
N PRO A 240 -11.86 16.78 -3.81
CA PRO A 240 -12.28 16.58 -2.43
C PRO A 240 -12.68 17.89 -1.78
N LYS A 241 -13.56 17.81 -0.78
CA LYS A 241 -13.93 18.99 -0.01
C LYS A 241 -12.69 19.66 0.58
N ALA A 242 -11.83 18.87 1.22
CA ALA A 242 -10.47 19.32 1.55
C ALA A 242 -9.71 19.38 0.23
N ALA A 243 -9.86 20.52 -0.46
CA ALA A 243 -9.45 20.65 -1.85
C ALA A 243 -8.02 21.16 -2.02
N GLU A 244 -7.27 21.34 -0.94
CA GLU A 244 -5.93 21.90 -1.05
C GLU A 244 -4.94 20.99 -1.76
N LEU A 245 -5.38 19.82 -2.24
CA LEU A 245 -4.50 18.89 -2.93
C LEU A 245 -5.15 18.31 -4.19
N ALA A 246 -6.26 18.90 -4.65
CA ALA A 246 -6.89 18.43 -5.87
C ALA A 246 -6.03 18.70 -7.09
N ASN A 247 -5.26 19.79 -7.08
CA ASN A 247 -4.36 20.06 -8.20
C ASN A 247 -3.26 19.02 -8.28
N LEU A 248 -2.74 18.57 -7.13
CA LEU A 248 -1.70 17.55 -7.14
C LEU A 248 -2.27 16.18 -7.49
N ILE A 249 -3.50 15.90 -7.06
CA ILE A 249 -4.14 14.64 -7.42
C ILE A 249 -4.32 14.56 -8.94
N ASN A 250 -4.90 15.60 -9.53
CA ASN A 250 -5.12 15.61 -10.97
C ASN A 250 -3.81 15.61 -11.75
N ASN A 251 -2.77 16.28 -11.24
CA ASN A 251 -1.50 16.29 -11.94
C ASN A 251 -0.84 14.91 -11.88
N CYS A 252 -0.96 14.21 -10.76
CA CYS A 252 -0.44 12.84 -10.69
C CYS A 252 -1.28 11.89 -11.52
N MET A 253 -2.61 12.02 -11.46
CA MET A 253 -3.52 11.19 -12.23
C MET A 253 -3.65 11.77 -13.65
N ASP A 254 -2.56 11.69 -14.39
CA ASP A 254 -2.48 12.19 -15.75
C ASP A 254 -2.64 11.02 -16.72
N TYR A 255 -3.58 11.15 -17.66
CA TYR A 255 -3.83 10.08 -18.61
C TYR A 255 -2.64 9.86 -19.56
N GLU A 256 -1.73 10.82 -19.66
CA GLU A 256 -0.49 10.61 -20.38
C GLU A 256 0.58 10.20 -19.38
N PRO A 257 1.06 8.96 -19.40
CA PRO A 257 2.01 8.50 -18.37
C PRO A 257 3.31 9.30 -18.36
N ASP A 258 3.78 9.76 -19.52
CA ASP A 258 5.05 10.47 -19.58
C ASP A 258 4.96 11.90 -19.04
N HIS A 259 3.79 12.37 -18.67
CA HIS A 259 3.62 13.72 -18.15
C HIS A 259 3.40 13.77 -16.64
N ARG A 260 3.29 12.63 -15.99
CA ARG A 260 3.11 12.61 -14.54
C ARG A 260 4.39 13.08 -13.87
N PRO A 261 4.30 13.96 -12.86
CA PRO A 261 5.53 14.50 -12.27
C PRO A 261 6.29 13.44 -11.49
N SER A 262 7.60 13.57 -11.49
CA SER A 262 8.42 12.73 -10.65
C SER A 262 8.14 13.01 -9.18
N PHE A 263 8.37 12.01 -8.33
CA PHE A 263 8.14 12.22 -6.91
C PHE A 263 9.10 13.24 -6.31
N ARG A 264 10.19 13.56 -7.01
CA ARG A 264 10.98 14.73 -6.66
C ARG A 264 10.12 15.99 -6.66
N ALA A 265 9.54 16.32 -7.81
CA ALA A 265 8.71 17.52 -7.93
C ALA A 265 7.48 17.44 -7.05
N ILE A 266 6.94 16.24 -6.82
CA ILE A 266 5.78 16.09 -5.95
C ILE A 266 6.12 16.55 -4.54
N ILE A 267 7.30 16.20 -4.05
CA ILE A 267 7.72 16.59 -2.71
C ILE A 267 7.91 18.11 -2.63
N ARG A 268 8.55 18.69 -3.66
CA ARG A 268 8.71 20.14 -3.69
C ARG A 268 7.35 20.83 -3.64
N ASP A 269 6.43 20.40 -4.49
CA ASP A 269 5.07 20.95 -4.49
C ASP A 269 4.36 20.66 -3.17
N LEU A 270 4.62 19.49 -2.57
CA LEU A 270 4.05 19.19 -1.26
C LEU A 270 4.66 20.08 -0.18
N ASN A 271 5.95 20.34 -0.25
CA ASN A 271 6.63 21.14 0.73
C ASN A 271 6.36 22.60 0.59
N SER A 272 5.77 23.02 -0.49
CA SER A 272 5.47 24.41 -0.71
C SER A 272 4.04 24.70 -0.42
N LEU A 273 3.53 24.07 0.59
CA LEU A 273 2.19 24.14 0.96
C LEU A 273 2.23 24.43 2.42
N PHE A 274 2.29 25.67 2.70
CA PHE A 274 2.18 26.24 4.06
C PHE A 274 2.54 25.30 5.23
C1 584 B . -1.15 -4.56 10.64
C2 584 B . -1.12 -4.85 8.30
C3 584 B . 0.22 -5.08 8.36
O1 584 B . 1.03 -5.65 4.89
O2 584 B . -7.32 -4.28 13.16
C11 584 B . -6.35 -4.89 7.62
C12 584 B . -6.08 -7.03 6.32
C13 584 B . 2.36 -5.60 7.28
C14 584 B . -3.26 -4.30 12.18
C15 584 B . -4.19 -4.84 11.30
C16 584 B . -5.53 -4.83 11.63
C17 584 B . -5.96 -4.29 12.84
C18 584 B . -5.04 -3.75 13.71
C19 584 B . -3.70 -3.76 13.38
N1 584 B . 0.15 -4.79 10.71
N2 584 B . -1.80 -4.57 9.47
C4 584 B . 0.88 -5.05 9.62
N3 584 B . -1.83 -4.27 11.91
N4 584 B . -1.76 -4.87 7.08
C5 584 B . -3.20 -4.61 7.01
C6 584 B . -4.04 -5.87 7.24
C7 584 B . -5.44 -5.68 6.66
C8 584 B . -1.07 -5.13 5.96
C9 584 B . 0.30 -5.38 6.05
N5 584 B . 0.93 -5.35 7.22
C10 584 B . -1.76 -5.17 4.60
F1 584 B . -6.45 -5.36 10.76
F2 584 B . -5.45 -3.22 14.89
#